data_2XZ8
#
_entry.id   2XZ8
#
_cell.length_a   82.240
_cell.length_b   82.240
_cell.length_c   178.620
_cell.angle_alpha   90.00
_cell.angle_beta   90.00
_cell.angle_gamma   120.00
#
_symmetry.space_group_name_H-M   'P 65 2 2'
#
loop_
_entity.id
_entity.type
_entity.pdbx_description
1 polymer 'PEPTIDOGLYCAN-RECOGNITION PROTEIN LF'
2 non-polymer 'TETRAETHYLENE GLYCOL'
3 non-polymer DI(HYDROXYETHYL)ETHER
4 non-polymer 'SODIUM ION'
5 water water
#
_entity_poly.entity_id   1
_entity_poly.type   'polypeptide(L)'
_entity_poly.pdbx_seq_one_letter_code
;MGSNETVKIVTRPYWLAQPPIVPLTPLKLPIESVRFVATNTPSCFTQAECTFRVRLLQNWHIESNGYKDINYNFVAAGDE
NIYEARGWDHSCEPPKDADELVVAFIGPSSSNKKIALELIKQGIKLGHISKNYSLIDDLEKSGSHHHHHH
;
_entity_poly.pdbx_strand_id   A,B
#
# COMPACT_ATOMS: atom_id res chain seq x y z
N VAL A 7 -0.50 15.77 -3.67
CA VAL A 7 -1.87 15.30 -3.93
C VAL A 7 -2.46 14.59 -2.70
N LYS A 8 -3.70 14.96 -2.37
CA LYS A 8 -4.39 14.37 -1.22
C LYS A 8 -5.07 13.05 -1.57
N ILE A 9 -4.58 11.97 -0.96
CA ILE A 9 -5.17 10.64 -1.18
C ILE A 9 -6.05 10.24 0.00
N VAL A 10 -7.28 9.84 -0.30
CA VAL A 10 -8.14 9.24 0.72
C VAL A 10 -7.87 7.74 0.70
N THR A 11 -7.15 7.28 1.71
CA THR A 11 -6.79 5.87 1.81
C THR A 11 -7.98 4.97 2.12
N ARG A 12 -7.83 3.68 1.84
CA ARG A 12 -8.88 2.70 2.01
C ARG A 12 -9.65 2.78 3.35
N PRO A 13 -8.94 2.87 4.48
CA PRO A 13 -9.65 2.97 5.77
C PRO A 13 -10.56 4.19 5.86
N TYR A 14 -10.14 5.31 5.28
CA TYR A 14 -10.92 6.55 5.32
C TYR A 14 -12.18 6.52 4.47
N TRP A 15 -12.28 5.58 3.53
CA TRP A 15 -13.56 5.39 2.87
C TRP A 15 -14.25 4.09 3.29
N LEU A 16 -13.74 3.49 4.37
CA LEU A 16 -14.39 2.31 4.98
C LEU A 16 -14.34 1.07 4.08
N ALA A 17 -13.32 1.01 3.24
CA ALA A 17 -13.13 -0.13 2.35
C ALA A 17 -13.15 -1.46 3.12
N GLN A 18 -13.78 -2.48 2.54
CA GLN A 18 -13.54 -3.83 3.04
C GLN A 18 -12.25 -4.34 2.36
N PRO A 19 -11.59 -5.33 2.96
CA PRO A 19 -10.39 -5.88 2.32
C PRO A 19 -10.78 -6.61 1.04
N PRO A 20 -9.80 -6.92 0.18
CA PRO A 20 -10.12 -7.78 -0.96
C PRO A 20 -10.73 -9.08 -0.44
N ILE A 21 -11.68 -9.65 -1.18
CA ILE A 21 -12.36 -10.84 -0.71
C ILE A 21 -11.38 -12.02 -0.64
N VAL A 22 -10.43 -12.04 -1.57
CA VAL A 22 -9.25 -12.91 -1.52
C VAL A 22 -8.03 -12.08 -1.93
N PRO A 23 -6.82 -12.58 -1.63
CA PRO A 23 -5.61 -11.76 -1.87
C PRO A 23 -5.38 -11.38 -3.35
N LEU A 24 -4.93 -10.16 -3.54
CA LEU A 24 -4.69 -9.64 -4.89
C LEU A 24 -3.30 -10.02 -5.38
N THR A 25 -3.11 -9.92 -6.69
CA THR A 25 -1.84 -10.22 -7.29
C THR A 25 -0.98 -8.96 -7.34
N PRO A 26 0.28 -9.07 -6.90
CA PRO A 26 1.29 -8.01 -6.91
C PRO A 26 1.56 -7.47 -8.31
N LEU A 27 1.75 -6.16 -8.38
CA LEU A 27 2.07 -5.49 -9.62
C LEU A 27 3.58 -5.26 -9.67
N LYS A 28 4.20 -5.64 -10.79
CA LYS A 28 5.64 -5.40 -11.00
C LYS A 28 5.93 -3.91 -11.21
N LEU A 29 6.94 -3.39 -10.51
CA LEU A 29 7.32 -1.98 -10.65
C LEU A 29 8.66 -1.87 -11.38
N PRO A 30 8.90 -0.74 -12.07
CA PRO A 30 7.99 0.41 -12.18
C PRO A 30 6.88 0.13 -13.18
N ILE A 31 5.74 0.78 -12.98
CA ILE A 31 4.63 0.67 -13.93
C ILE A 31 4.95 1.40 -15.23
N GLU A 32 4.67 0.77 -16.36
CA GLU A 32 5.02 1.35 -17.66
C GLU A 32 3.81 1.88 -18.44
N SER A 33 2.63 1.70 -17.87
CA SER A 33 1.41 2.14 -18.55
C SER A 33 0.38 2.63 -17.55
N VAL A 34 -0.19 3.80 -17.81
CA VAL A 34 -1.26 4.36 -16.99
C VAL A 34 -2.51 4.53 -17.86
N ARG A 35 -3.67 4.14 -17.35
CA ARG A 35 -4.90 4.31 -18.09
C ARG A 35 -5.93 5.12 -17.30
N PHE A 36 -6.51 6.11 -17.95
CA PHE A 36 -7.59 6.91 -17.36
C PHE A 36 -8.91 6.39 -17.91
N VAL A 37 -9.81 5.94 -17.04
CA VAL A 37 -11.12 5.48 -17.49
C VAL A 37 -12.26 6.17 -16.75
N ALA A 38 -13.42 6.24 -17.40
CA ALA A 38 -14.60 6.82 -16.80
C ALA A 38 -15.42 5.71 -16.13
N THR A 39 -15.97 5.97 -14.95
CA THR A 39 -16.79 4.97 -14.28
C THR A 39 -18.23 4.98 -14.76
N ASN A 40 -18.67 6.12 -15.28
CA ASN A 40 -20.06 6.25 -15.71
C ASN A 40 -21.03 5.97 -14.56
N THR A 41 -20.73 6.56 -13.41
CA THR A 41 -21.59 6.56 -12.25
C THR A 41 -21.82 8.03 -11.85
N PRO A 42 -22.84 8.30 -11.03
CA PRO A 42 -23.21 9.68 -10.69
C PRO A 42 -22.08 10.49 -10.05
N SER A 43 -21.89 11.73 -10.52
CA SER A 43 -20.89 12.63 -9.95
C SER A 43 -21.13 12.85 -8.46
N CYS A 44 -20.11 13.39 -7.80
CA CYS A 44 -20.17 13.68 -6.37
C CYS A 44 -19.26 14.85 -6.08
N PHE A 45 -19.58 15.64 -5.06
CA PHE A 45 -18.88 16.91 -4.86
C PHE A 45 -18.42 17.19 -3.43
N THR A 46 -18.62 16.22 -2.53
CA THR A 46 -18.11 16.33 -1.18
C THR A 46 -17.48 15.00 -0.79
N GLN A 47 -16.57 15.03 0.19
CA GLN A 47 -15.93 13.79 0.60
C GLN A 47 -16.93 12.76 1.12
N ALA A 48 -17.96 13.21 1.83
CA ALA A 48 -18.97 12.30 2.34
C ALA A 48 -19.70 11.62 1.18
N GLU A 49 -20.06 12.41 0.18
CA GLU A 49 -20.80 11.90 -0.97
C GLU A 49 -19.92 10.97 -1.82
N CYS A 50 -18.69 11.40 -2.07
CA CYS A 50 -17.76 10.61 -2.87
C CYS A 50 -17.36 9.32 -2.15
N THR A 51 -17.12 9.41 -0.85
CA THR A 51 -16.81 8.23 -0.05
C THR A 51 -17.90 7.18 -0.22
N PHE A 52 -19.15 7.61 -0.11
CA PHE A 52 -20.30 6.73 -0.24
C PHE A 52 -20.31 6.06 -1.62
N ARG A 53 -20.02 6.83 -2.67
CA ARG A 53 -19.96 6.30 -4.03
C ARG A 53 -18.87 5.25 -4.21
N VAL A 54 -17.70 5.48 -3.62
CA VAL A 54 -16.59 4.52 -3.73
C VAL A 54 -16.91 3.20 -3.01
N ARG A 55 -17.53 3.29 -1.83
CA ARG A 55 -18.04 2.11 -1.14
C ARG A 55 -18.99 1.33 -2.06
N LEU A 56 -19.94 2.03 -2.67
CA LEU A 56 -20.89 1.36 -3.58
C LEU A 56 -20.18 0.72 -4.77
N LEU A 57 -19.18 1.42 -5.30
CA LEU A 57 -18.41 0.89 -6.42
C LEU A 57 -17.75 -0.41 -6.01
N GLN A 58 -17.12 -0.39 -4.83
CA GLN A 58 -16.45 -1.58 -4.35
C GLN A 58 -17.44 -2.73 -4.17
N ASN A 59 -18.58 -2.47 -3.53
CA ASN A 59 -19.57 -3.53 -3.35
C ASN A 59 -20.04 -4.11 -4.67
N TRP A 60 -20.30 -3.23 -5.61
CA TRP A 60 -20.77 -3.64 -6.93
C TRP A 60 -19.70 -4.48 -7.62
N HIS A 61 -18.46 -3.99 -7.62
CA HIS A 61 -17.39 -4.74 -8.28
C HIS A 61 -17.20 -6.14 -7.67
N ILE A 62 -17.26 -6.22 -6.36
CA ILE A 62 -17.05 -7.51 -5.68
C ILE A 62 -18.24 -8.43 -5.88
N GLU A 63 -19.41 -7.97 -5.48
CA GLU A 63 -20.58 -8.85 -5.42
C GLU A 63 -21.29 -9.05 -6.75
N SER A 64 -21.51 -7.98 -7.50
CA SER A 64 -22.16 -8.13 -8.80
C SER A 64 -21.21 -8.61 -9.90
N ASN A 65 -20.01 -8.03 -9.97
CA ASN A 65 -19.08 -8.37 -11.06
C ASN A 65 -18.23 -9.61 -10.78
N GLY A 66 -18.08 -9.95 -9.51
CA GLY A 66 -17.29 -11.11 -9.14
C GLY A 66 -15.80 -10.83 -9.08
N TYR A 67 -15.43 -9.56 -9.03
CA TYR A 67 -14.02 -9.18 -8.86
C TYR A 67 -13.59 -9.45 -7.43
N LYS A 68 -12.28 -9.52 -7.22
CA LYS A 68 -11.76 -9.73 -5.87
C LYS A 68 -11.78 -8.47 -5.02
N ASP A 69 -11.92 -7.33 -5.67
CA ASP A 69 -11.85 -6.04 -4.98
C ASP A 69 -12.34 -4.99 -5.98
N ILE A 70 -12.51 -3.75 -5.53
CA ILE A 70 -12.78 -2.68 -6.48
C ILE A 70 -11.69 -2.75 -7.56
N ASN A 71 -12.07 -2.65 -8.83
CA ASN A 71 -11.17 -3.01 -9.94
C ASN A 71 -10.51 -1.82 -10.61
N TYR A 72 -9.96 -0.92 -9.78
CA TYR A 72 -9.15 0.21 -10.22
C TYR A 72 -8.00 0.31 -9.24
N ASN A 73 -6.96 1.06 -9.60
CA ASN A 73 -5.88 1.35 -8.66
C ASN A 73 -6.16 2.59 -7.84
N PHE A 74 -6.72 3.61 -8.50
CA PHE A 74 -7.12 4.85 -7.84
C PHE A 74 -8.40 5.37 -8.47
N VAL A 75 -9.14 6.18 -7.72
CA VAL A 75 -10.36 6.79 -8.22
C VAL A 75 -10.35 8.28 -7.96
N ALA A 76 -10.35 9.08 -9.03
CA ALA A 76 -10.46 10.53 -8.90
C ALA A 76 -11.94 10.89 -8.88
N ALA A 77 -12.33 11.77 -7.95
CA ALA A 77 -13.73 12.16 -7.83
C ALA A 77 -13.93 13.68 -7.80
N GLY A 78 -15.19 14.11 -7.84
CA GLY A 78 -15.52 15.52 -7.93
C GLY A 78 -15.15 16.37 -6.71
N ASP A 79 -14.88 15.72 -5.58
CA ASP A 79 -14.45 16.46 -4.40
C ASP A 79 -12.97 16.80 -4.49
N GLU A 80 -12.40 16.53 -5.67
CA GLU A 80 -10.99 16.79 -5.95
C GLU A 80 -10.06 15.92 -5.11
N ASN A 81 -10.58 14.80 -4.61
CA ASN A 81 -9.75 13.83 -3.90
C ASN A 81 -9.40 12.65 -4.80
N ILE A 82 -8.28 12.01 -4.50
CA ILE A 82 -7.97 10.73 -5.11
C ILE A 82 -8.21 9.68 -4.04
N TYR A 83 -9.08 8.72 -4.34
CA TYR A 83 -9.35 7.60 -3.42
C TYR A 83 -8.47 6.42 -3.78
N GLU A 84 -7.80 5.87 -2.78
CA GLU A 84 -6.97 4.71 -2.98
C GLU A 84 -7.86 3.50 -3.22
N ALA A 85 -7.68 2.82 -4.36
CA ALA A 85 -8.42 1.59 -4.60
C ALA A 85 -7.46 0.42 -4.42
N ARG A 86 -7.10 -0.27 -5.49
CA ARG A 86 -6.06 -1.30 -5.38
C ARG A 86 -4.67 -0.71 -5.09
N GLY A 87 -4.49 0.59 -5.30
CA GLY A 87 -3.25 1.26 -4.90
C GLY A 87 -2.05 1.05 -5.82
N TRP A 88 -0.86 1.35 -5.34
CA TRP A 88 0.33 1.29 -6.19
C TRP A 88 0.80 -0.13 -6.53
N ASP A 89 0.50 -1.09 -5.66
CA ASP A 89 1.26 -2.34 -5.64
C ASP A 89 0.51 -3.60 -6.12
N HIS A 90 -0.77 -3.47 -6.44
CA HIS A 90 -1.56 -4.63 -6.84
C HIS A 90 -2.25 -4.39 -8.16
N SER A 91 -2.32 -5.44 -8.97
CA SER A 91 -2.88 -5.32 -10.30
C SER A 91 -4.39 -5.42 -10.28
N CYS A 92 -5.02 -4.71 -11.21
CA CYS A 92 -6.40 -4.93 -11.57
C CYS A 92 -6.52 -6.26 -12.27
N GLU A 93 -7.74 -6.76 -12.38
CA GLU A 93 -7.96 -8.04 -13.06
C GLU A 93 -8.75 -7.80 -14.35
N PRO A 94 -8.86 -8.82 -15.22
CA PRO A 94 -9.53 -8.67 -16.51
C PRO A 94 -10.93 -8.10 -16.35
N PRO A 95 -11.37 -7.25 -17.29
CA PRO A 95 -10.73 -6.96 -18.57
C PRO A 95 -9.62 -5.91 -18.50
N LYS A 96 -9.30 -5.38 -17.32
CA LYS A 96 -8.19 -4.43 -17.21
C LYS A 96 -6.85 -5.16 -17.35
N ASP A 97 -5.85 -4.42 -17.80
CA ASP A 97 -4.50 -4.95 -17.99
C ASP A 97 -3.80 -5.02 -16.63
N ALA A 98 -3.22 -6.18 -16.33
CA ALA A 98 -2.56 -6.40 -15.03
C ALA A 98 -1.32 -5.53 -14.82
N ASP A 99 -0.76 -4.98 -15.89
CA ASP A 99 0.49 -4.22 -15.79
C ASP A 99 0.31 -2.72 -15.95
N GLU A 100 -0.93 -2.27 -15.86
CA GLU A 100 -1.23 -0.84 -15.99
C GLU A 100 -1.68 -0.30 -14.65
N LEU A 101 -1.40 0.97 -14.39
CA LEU A 101 -2.05 1.65 -13.29
C LEU A 101 -3.36 2.23 -13.83
N VAL A 102 -4.50 1.77 -13.28
CA VAL A 102 -5.79 2.23 -13.76
C VAL A 102 -6.35 3.30 -12.83
N VAL A 103 -6.56 4.49 -13.37
CA VAL A 103 -7.15 5.56 -12.62
C VAL A 103 -8.56 5.81 -13.15
N ALA A 104 -9.55 5.53 -12.31
CA ALA A 104 -10.96 5.72 -12.67
C ALA A 104 -11.42 7.12 -12.26
N PHE A 105 -12.43 7.62 -12.95
CA PHE A 105 -12.93 8.97 -12.70
C PHE A 105 -14.44 8.94 -12.46
N ILE A 106 -14.87 9.49 -11.34
CA ILE A 106 -16.29 9.71 -11.06
C ILE A 106 -16.55 11.16 -11.45
N GLY A 107 -17.39 11.37 -12.45
CA GLY A 107 -17.58 12.71 -13.00
C GLY A 107 -16.27 13.34 -13.46
N PRO A 108 -15.67 12.77 -14.53
CA PRO A 108 -14.45 13.33 -15.12
C PRO A 108 -14.59 14.83 -15.38
N SER A 109 -13.52 15.59 -15.17
CA SER A 109 -13.54 17.02 -15.43
C SER A 109 -12.14 17.53 -15.61
N SER A 110 -12.02 18.78 -16.05
CA SER A 110 -10.71 19.41 -16.19
C SER A 110 -10.03 19.41 -14.83
N SER A 111 -10.80 19.69 -13.78
CA SER A 111 -10.28 19.76 -12.42
C SER A 111 -9.57 18.47 -12.02
N ASN A 112 -10.32 17.38 -11.88
CA ASN A 112 -9.74 16.13 -11.38
C ASN A 112 -8.78 15.44 -12.35
N LYS A 113 -8.84 15.81 -13.63
CA LYS A 113 -7.85 15.33 -14.59
C LYS A 113 -6.48 15.90 -14.26
N LYS A 114 -6.41 17.19 -13.92
CA LYS A 114 -5.15 17.80 -13.52
C LYS A 114 -4.62 17.16 -12.23
N ILE A 115 -5.53 16.84 -11.31
CA ILE A 115 -5.15 16.17 -10.07
C ILE A 115 -4.56 14.78 -10.34
N ALA A 116 -5.19 14.05 -11.25
CA ALA A 116 -4.72 12.73 -11.61
C ALA A 116 -3.34 12.82 -12.27
N LEU A 117 -3.15 13.85 -13.10
CA LEU A 117 -1.85 14.06 -13.73
C LEU A 117 -0.77 14.37 -12.68
N GLU A 118 -1.13 15.17 -11.67
CA GLU A 118 -0.24 15.42 -10.54
C GLU A 118 0.14 14.12 -9.83
N LEU A 119 -0.83 13.22 -9.66
CA LEU A 119 -0.57 11.92 -9.06
C LEU A 119 0.43 11.10 -9.88
N ILE A 120 0.33 11.18 -11.21
CA ILE A 120 1.24 10.44 -12.08
C ILE A 120 2.64 11.01 -11.93
N LYS A 121 2.73 12.34 -11.91
CA LYS A 121 4.01 13.01 -11.80
C LYS A 121 4.71 12.57 -10.52
N GLN A 122 3.94 12.50 -9.44
CA GLN A 122 4.47 12.06 -8.14
C GLN A 122 4.91 10.60 -8.21
N GLY A 123 4.08 9.77 -8.83
CA GLY A 123 4.42 8.36 -9.03
C GLY A 123 5.73 8.20 -9.79
N ILE A 124 5.95 9.05 -10.78
CA ILE A 124 7.21 9.01 -11.53
C ILE A 124 8.40 9.40 -10.65
N LYS A 125 8.22 10.50 -9.91
CA LYS A 125 9.28 11.00 -9.02
C LYS A 125 9.65 9.98 -7.94
N LEU A 126 8.66 9.20 -7.50
CA LEU A 126 8.89 8.22 -6.44
C LEU A 126 9.27 6.83 -6.97
N GLY A 127 9.34 6.69 -8.28
CA GLY A 127 9.74 5.44 -8.90
C GLY A 127 8.66 4.36 -9.03
N HIS A 128 7.41 4.72 -8.75
CA HIS A 128 6.29 3.80 -8.94
C HIS A 128 5.99 3.61 -10.42
N ILE A 129 6.12 4.72 -11.15
CA ILE A 129 5.84 4.76 -12.58
C ILE A 129 7.13 5.06 -13.31
N SER A 130 7.39 4.33 -14.39
CA SER A 130 8.60 4.50 -15.17
C SER A 130 8.59 5.86 -15.86
N LYS A 131 9.76 6.48 -15.96
CA LYS A 131 9.93 7.70 -16.75
C LYS A 131 9.53 7.49 -18.20
N ASN A 132 9.61 6.24 -18.66
CA ASN A 132 9.27 5.89 -20.03
C ASN A 132 7.86 5.29 -20.19
N TYR A 133 6.88 5.88 -19.52
CA TYR A 133 5.54 5.31 -19.46
C TYR A 133 4.64 5.76 -20.61
N SER A 134 3.62 4.96 -20.91
CA SER A 134 2.55 5.37 -21.80
C SER A 134 1.32 5.80 -21.01
N LEU A 135 0.66 6.88 -21.46
CA LEU A 135 -0.60 7.29 -20.88
C LEU A 135 -1.74 7.01 -21.85
N ILE A 136 -2.68 6.17 -21.41
CA ILE A 136 -3.83 5.84 -22.24
C ILE A 136 -5.05 6.55 -21.68
N ASP A 137 -5.55 7.53 -22.42
CA ASP A 137 -6.66 8.34 -21.96
C ASP A 137 -7.96 7.89 -22.62
N ASP A 138 -8.75 7.12 -21.88
CA ASP A 138 -10.02 6.59 -22.40
C ASP A 138 -11.21 7.39 -21.89
N LEU A 139 -10.95 8.58 -21.35
CA LEU A 139 -12.01 9.34 -20.71
C LEU A 139 -13.17 9.65 -21.65
N GLU A 140 -12.87 9.85 -22.93
CA GLU A 140 -13.91 9.97 -23.93
C GLU A 140 -14.21 8.58 -24.50
N LYS A 141 -15.38 8.04 -24.18
CA LYS A 141 -15.81 6.74 -24.70
C LYS A 141 -17.25 6.44 -24.28
N VAL B 7 6.13 -16.02 0.21
CA VAL B 7 6.03 -15.47 1.56
C VAL B 7 4.61 -14.99 1.88
N LYS B 8 4.08 -15.42 3.02
CA LYS B 8 2.72 -15.05 3.43
C LYS B 8 2.72 -13.75 4.23
N ILE B 9 2.08 -12.73 3.69
CA ILE B 9 2.02 -11.44 4.38
C ILE B 9 0.64 -11.21 4.99
N VAL B 10 0.60 -10.96 6.30
CA VAL B 10 -0.64 -10.59 6.97
C VAL B 10 -0.83 -9.10 6.79
N THR B 11 -1.78 -8.71 5.95
CA THR B 11 -1.99 -7.29 5.65
C THR B 11 -2.64 -6.58 6.82
N ARG B 12 -2.57 -5.26 6.82
CA ARG B 12 -3.02 -4.45 7.95
C ARG B 12 -4.45 -4.76 8.43
N PRO B 13 -5.42 -4.88 7.51
CA PRO B 13 -6.79 -5.17 7.98
C PRO B 13 -6.85 -6.50 8.74
N TYR B 14 -6.04 -7.48 8.34
CA TYR B 14 -6.06 -8.79 8.98
C TYR B 14 -5.40 -8.83 10.37
N TRP B 15 -4.65 -7.79 10.71
CA TRP B 15 -4.24 -7.67 12.11
C TRP B 15 -4.94 -6.51 12.84
N LEU B 16 -6.00 -5.99 12.23
CA LEU B 16 -6.85 -4.95 12.84
C LEU B 16 -6.11 -3.64 13.12
N ALA B 17 -5.15 -3.31 12.25
CA ALA B 17 -4.40 -2.07 12.36
C ALA B 17 -5.35 -0.89 12.37
N GLN B 18 -5.05 0.11 13.20
CA GLN B 18 -5.65 1.42 13.01
C GLN B 18 -4.90 2.15 11.89
N PRO B 19 -5.56 3.11 11.23
CA PRO B 19 -4.88 3.89 10.18
C PRO B 19 -3.87 4.81 10.81
N PRO B 20 -2.92 5.33 10.01
CA PRO B 20 -2.01 6.35 10.55
C PRO B 20 -2.82 7.47 11.19
N ILE B 21 -2.24 8.10 12.20
CA ILE B 21 -2.91 9.21 12.87
C ILE B 21 -3.03 10.38 11.91
N VAL B 22 -1.99 10.59 11.11
CA VAL B 22 -2.02 11.55 10.00
C VAL B 22 -1.27 10.92 8.83
N PRO B 23 -1.45 11.44 7.62
CA PRO B 23 -0.89 10.82 6.41
C PRO B 23 0.63 10.61 6.47
N LEU B 24 1.10 9.48 5.94
CA LEU B 24 2.52 9.16 5.96
C LEU B 24 3.26 9.70 4.73
N THR B 25 4.58 9.81 4.87
CA THR B 25 5.45 10.20 3.77
C THR B 25 5.74 9.00 2.86
N PRO B 26 5.63 9.21 1.54
CA PRO B 26 5.90 8.17 0.53
C PRO B 26 7.37 7.74 0.50
N LEU B 27 7.58 6.45 0.22
CA LEU B 27 8.92 5.87 0.11
C LEU B 27 9.33 5.77 -1.37
N LYS B 28 10.50 6.31 -1.73
CA LYS B 28 10.98 6.23 -3.11
C LYS B 28 11.48 4.81 -3.45
N LEU B 29 11.20 4.35 -4.67
CA LEU B 29 11.62 3.03 -5.11
C LEU B 29 12.54 3.16 -6.33
N PRO B 30 13.44 2.18 -6.52
CA PRO B 30 13.60 1.01 -5.68
C PRO B 30 14.31 1.33 -4.36
N ILE B 31 13.95 0.61 -3.31
CA ILE B 31 14.60 0.74 -2.02
C ILE B 31 16.04 0.23 -2.10
N GLU B 32 16.98 1.05 -1.65
CA GLU B 32 18.40 0.70 -1.76
C GLU B 32 18.98 0.14 -0.46
N SER B 33 18.20 0.20 0.61
CA SER B 33 18.67 -0.26 1.91
C SER B 33 17.55 -0.92 2.72
N VAL B 34 17.85 -2.09 3.29
CA VAL B 34 16.93 -2.81 4.18
C VAL B 34 17.59 -2.88 5.55
N ARG B 35 16.86 -2.52 6.61
CA ARG B 35 17.42 -2.57 7.94
C ARG B 35 16.67 -3.56 8.80
N PHE B 36 17.39 -4.49 9.41
CA PHE B 36 16.82 -5.42 10.39
C PHE B 36 16.95 -4.84 11.79
N VAL B 37 15.82 -4.71 12.49
CA VAL B 37 15.84 -4.16 13.86
C VAL B 37 15.08 -5.08 14.82
N ALA B 38 15.50 -5.09 16.07
CA ALA B 38 14.86 -5.91 17.09
C ALA B 38 13.77 -5.10 17.78
N THR B 39 12.68 -5.76 18.18
CA THR B 39 11.60 -5.08 18.89
C THR B 39 11.76 -5.19 20.41
N ASN B 40 12.55 -6.16 20.86
CA ASN B 40 12.71 -6.40 22.28
C ASN B 40 11.37 -6.67 22.97
N THR B 41 10.51 -7.42 22.29
CA THR B 41 9.22 -7.81 22.84
C THR B 41 9.18 -9.33 22.96
N PRO B 42 8.26 -9.85 23.79
CA PRO B 42 8.20 -11.32 23.97
C PRO B 42 7.96 -12.02 22.64
N SER B 43 8.59 -13.18 22.46
CA SER B 43 8.35 -13.98 21.28
C SER B 43 6.89 -14.41 21.24
N CYS B 44 6.41 -14.72 20.04
CA CYS B 44 5.04 -15.20 19.85
C CYS B 44 5.10 -16.35 18.86
N PHE B 45 4.16 -17.29 18.96
CA PHE B 45 4.28 -18.53 18.21
C PHE B 45 3.03 -18.89 17.41
N THR B 46 1.98 -18.10 17.58
CA THR B 46 0.75 -18.31 16.83
C THR B 46 0.32 -16.98 16.25
N GLN B 47 -0.47 -17.03 15.17
CA GLN B 47 -0.93 -15.80 14.54
C GLN B 47 -1.80 -14.99 15.49
N ALA B 48 -2.62 -15.67 16.29
CA ALA B 48 -3.44 -14.97 17.28
C ALA B 48 -2.54 -14.18 18.22
N GLU B 49 -1.49 -14.83 18.70
CA GLU B 49 -0.57 -14.20 19.65
C GLU B 49 0.25 -13.10 18.99
N CYS B 50 0.76 -13.36 17.80
CA CYS B 50 1.57 -12.37 17.09
C CYS B 50 0.76 -11.14 16.66
N THR B 51 -0.48 -11.35 16.22
CA THR B 51 -1.36 -10.24 15.87
C THR B 51 -1.53 -9.30 17.05
N PHE B 52 -1.77 -9.90 18.21
CA PHE B 52 -1.87 -9.16 19.46
C PHE B 52 -0.61 -8.34 19.74
N ARG B 53 0.55 -8.94 19.54
CA ARG B 53 1.81 -8.23 19.73
C ARG B 53 2.00 -7.06 18.76
N VAL B 54 1.64 -7.26 17.49
CA VAL B 54 1.77 -6.20 16.49
C VAL B 54 0.82 -5.05 16.76
N ARG B 55 -0.42 -5.36 17.17
CA ARG B 55 -1.35 -4.33 17.60
C ARG B 55 -0.74 -3.54 18.75
N LEU B 56 -0.19 -4.25 19.73
CA LEU B 56 0.48 -3.59 20.85
C LEU B 56 1.67 -2.72 20.44
N LEU B 57 2.50 -3.20 19.50
CA LEU B 57 3.57 -2.38 18.95
C LEU B 57 3.05 -1.09 18.31
N GLN B 58 1.98 -1.19 17.53
CA GLN B 58 1.44 -0.02 16.86
C GLN B 58 0.94 1.00 17.87
N ASN B 59 0.19 0.51 18.87
CA ASN B 59 -0.31 1.40 19.92
C ASN B 59 0.82 2.08 20.67
N TRP B 60 1.87 1.32 20.97
CA TRP B 60 3.03 1.84 21.65
C TRP B 60 3.71 2.92 20.81
N HIS B 61 3.92 2.64 19.52
CA HIS B 61 4.60 3.60 18.66
C HIS B 61 3.80 4.90 18.51
N ILE B 62 2.50 4.77 18.36
CA ILE B 62 1.66 5.95 18.15
C ILE B 62 1.51 6.76 19.43
N GLU B 63 1.07 6.10 20.50
CA GLU B 63 0.73 6.80 21.73
C GLU B 63 1.91 7.16 22.63
N SER B 64 2.83 6.20 22.84
CA SER B 64 3.98 6.47 23.71
C SER B 64 5.09 7.23 22.99
N ASN B 65 5.34 6.91 21.73
CA ASN B 65 6.42 7.55 20.99
C ASN B 65 5.98 8.76 20.18
N GLY B 66 4.68 8.89 19.95
CA GLY B 66 4.15 9.99 19.18
C GLY B 66 4.34 9.84 17.68
N TYR B 67 4.63 8.63 17.21
CA TYR B 67 4.75 8.42 15.76
C TYR B 67 3.36 8.45 15.13
N LYS B 68 3.33 8.67 13.83
CA LYS B 68 2.08 8.69 13.09
C LYS B 68 1.49 7.29 12.89
N ASP B 69 2.33 6.28 13.06
CA ASP B 69 1.92 4.90 12.77
C ASP B 69 3.01 4.00 13.33
N ILE B 70 2.77 2.70 13.37
CA ILE B 70 3.83 1.76 13.70
C ILE B 70 5.05 2.13 12.83
N ASN B 71 6.22 2.26 13.45
CA ASN B 71 7.41 2.78 12.75
C ASN B 71 8.33 1.72 12.18
N TYR B 72 7.74 0.76 11.46
CA TYR B 72 8.48 -0.22 10.68
C TYR B 72 7.73 -0.37 9.37
N ASN B 73 8.37 -0.98 8.37
CA ASN B 73 7.66 -1.33 7.14
C ASN B 73 7.03 -2.72 7.22
N PHE B 74 7.77 -3.67 7.81
CA PHE B 74 7.27 -5.03 8.00
C PHE B 74 7.74 -5.57 9.35
N VAL B 75 7.01 -6.55 9.88
CA VAL B 75 7.40 -7.18 11.12
C VAL B 75 7.43 -8.69 10.89
N ALA B 76 8.58 -9.30 11.15
CA ALA B 76 8.72 -10.75 11.06
C ALA B 76 8.49 -11.34 12.45
N ALA B 77 7.65 -12.35 12.55
CA ALA B 77 7.29 -12.89 13.87
C ALA B 77 7.52 -14.40 14.00
N GLY B 78 7.45 -14.89 15.23
CA GLY B 78 7.71 -16.29 15.52
C GLY B 78 6.66 -17.26 14.99
N ASP B 79 5.52 -16.74 14.55
CA ASP B 79 4.52 -17.58 13.90
C ASP B 79 4.89 -17.81 12.42
N GLU B 80 6.09 -17.37 12.05
CA GLU B 80 6.58 -17.49 10.67
C GLU B 80 5.79 -16.65 9.66
N ASN B 81 5.04 -15.67 10.16
CA ASN B 81 4.35 -14.73 9.29
C ASN B 81 5.09 -13.41 9.20
N ILE B 82 4.90 -12.70 8.09
CA ILE B 82 5.35 -11.33 7.99
C ILE B 82 4.11 -10.45 8.11
N TYR B 83 4.16 -9.47 9.00
CA TYR B 83 3.08 -8.51 9.16
C TYR B 83 3.36 -7.22 8.42
N GLU B 84 2.40 -6.81 7.60
CA GLU B 84 2.51 -5.52 6.90
C GLU B 84 2.39 -4.39 7.90
N ALA B 85 3.41 -3.55 7.98
CA ALA B 85 3.30 -2.38 8.84
C ALA B 85 3.12 -1.16 7.93
N ARG B 86 4.13 -0.32 7.78
CA ARG B 86 4.02 0.78 6.81
C ARG B 86 4.07 0.28 5.37
N GLY B 87 4.53 -0.95 5.18
CA GLY B 87 4.46 -1.61 3.88
C GLY B 87 5.49 -1.08 2.90
N TRP B 88 5.27 -1.34 1.61
CA TRP B 88 6.22 -0.93 0.57
C TRP B 88 6.21 0.57 0.29
N ASP B 89 5.09 1.24 0.56
CA ASP B 89 4.80 2.54 -0.04
C ASP B 89 5.22 3.76 0.79
N HIS B 90 5.43 3.56 2.09
CA HIS B 90 5.59 4.68 3.01
C HIS B 90 6.84 4.54 3.84
N SER B 91 7.52 5.65 4.07
CA SER B 91 8.75 5.61 4.85
C SER B 91 8.48 5.69 6.35
N CYS B 92 9.40 5.13 7.12
CA CYS B 92 9.42 5.31 8.56
C CYS B 92 9.87 6.72 8.90
N GLU B 93 9.55 7.20 10.10
CA GLU B 93 9.97 8.52 10.49
C GLU B 93 11.20 8.45 11.40
N PRO B 94 11.84 9.60 11.67
CA PRO B 94 13.08 9.63 12.46
C PRO B 94 12.94 8.91 13.81
N PRO B 95 14.01 8.28 14.31
CA PRO B 95 15.39 8.35 13.79
C PRO B 95 15.62 7.43 12.59
N LYS B 96 14.64 6.63 12.20
CA LYS B 96 14.78 5.80 11.00
C LYS B 96 15.02 6.64 9.72
N ASP B 97 15.70 6.03 8.75
CA ASP B 97 15.97 6.69 7.48
C ASP B 97 14.76 6.61 6.53
N ALA B 98 14.45 7.73 5.88
CA ALA B 98 13.28 7.80 4.99
C ALA B 98 13.39 7.00 3.69
N ASP B 99 14.55 6.42 3.41
CA ASP B 99 14.77 5.71 2.15
C ASP B 99 15.00 4.22 2.35
N GLU B 100 14.88 3.75 3.60
CA GLU B 100 15.14 2.35 3.93
C GLU B 100 13.86 1.58 4.15
N LEU B 101 13.92 0.28 3.92
CA LEU B 101 12.85 -0.61 4.33
C LEU B 101 13.22 -1.17 5.69
N VAL B 102 12.42 -0.85 6.70
CA VAL B 102 12.71 -1.32 8.05
C VAL B 102 11.89 -2.56 8.35
N VAL B 103 12.59 -3.67 8.62
CA VAL B 103 11.94 -4.92 8.99
C VAL B 103 12.23 -5.22 10.46
N ALA B 104 11.18 -5.21 11.29
CA ALA B 104 11.34 -5.49 12.72
C ALA B 104 11.15 -6.98 12.99
N PHE B 105 11.77 -7.46 14.07
CA PHE B 105 11.70 -8.87 14.43
C PHE B 105 11.11 -9.05 15.83
N ILE B 106 10.06 -9.85 15.93
CA ILE B 106 9.55 -10.28 17.23
C ILE B 106 10.17 -11.62 17.54
N GLY B 107 10.92 -11.68 18.64
CA GLY B 107 11.69 -12.86 18.98
C GLY B 107 12.60 -13.28 17.84
N PRO B 108 13.60 -12.44 17.51
CA PRO B 108 14.54 -12.70 16.41
C PRO B 108 15.11 -14.12 16.47
N SER B 109 15.11 -14.80 15.34
CA SER B 109 15.61 -16.18 15.27
C SER B 109 16.02 -16.54 13.84
N SER B 110 16.67 -17.69 13.70
CA SER B 110 17.02 -18.22 12.39
C SER B 110 15.75 -18.43 11.56
N SER B 111 14.65 -18.71 12.24
CA SER B 111 13.36 -18.86 11.58
C SER B 111 12.89 -17.52 11.01
N ASN B 112 12.86 -16.51 11.88
CA ASN B 112 12.50 -15.16 11.46
C ASN B 112 13.33 -14.66 10.29
N LYS B 113 14.63 -14.93 10.36
CA LYS B 113 15.57 -14.40 9.39
C LYS B 113 15.32 -14.97 7.99
N LYS B 114 15.02 -16.26 7.92
CA LYS B 114 14.77 -16.92 6.63
C LYS B 114 13.55 -16.32 5.94
N ILE B 115 12.49 -16.11 6.70
CA ILE B 115 11.28 -15.50 6.16
C ILE B 115 11.55 -14.06 5.72
N ALA B 116 12.35 -13.34 6.49
CA ALA B 116 12.67 -11.96 6.17
C ALA B 116 13.47 -11.88 4.86
N LEU B 117 14.39 -12.82 4.67
CA LEU B 117 15.18 -12.86 3.45
C LEU B 117 14.30 -13.20 2.24
N GLU B 118 13.31 -14.06 2.43
CA GLU B 118 12.32 -14.35 1.39
C GLU B 118 11.54 -13.09 0.98
N LEU B 119 11.14 -12.29 1.98
CA LEU B 119 10.47 -11.02 1.72
C LEU B 119 11.34 -10.13 0.83
N ILE B 120 12.62 -10.03 1.18
CA ILE B 120 13.56 -9.23 0.40
C ILE B 120 13.64 -9.74 -1.03
N LYS B 121 13.77 -11.06 -1.18
CA LYS B 121 13.85 -11.68 -2.48
C LYS B 121 12.59 -11.37 -3.30
N GLN B 122 11.43 -11.41 -2.63
CA GLN B 122 10.17 -11.04 -3.27
C GLN B 122 10.17 -9.57 -3.68
N GLY B 123 10.65 -8.70 -2.79
CA GLY B 123 10.74 -7.29 -3.08
C GLY B 123 11.61 -6.97 -4.29
N ILE B 124 12.71 -7.72 -4.44
CA ILE B 124 13.61 -7.51 -5.57
C ILE B 124 12.91 -7.91 -6.87
N LYS B 125 12.30 -9.10 -6.85
CA LYS B 125 11.60 -9.62 -8.03
C LYS B 125 10.49 -8.67 -8.47
N LEU B 126 9.82 -8.03 -7.51
CA LEU B 126 8.69 -7.16 -7.83
C LEU B 126 9.10 -5.72 -8.17
N GLY B 127 10.38 -5.42 -8.05
CA GLY B 127 10.90 -4.10 -8.35
C GLY B 127 10.86 -3.13 -7.18
N HIS B 128 10.45 -3.61 -6.01
CA HIS B 128 10.36 -2.76 -4.83
C HIS B 128 11.73 -2.48 -4.24
N ILE B 129 12.64 -3.44 -4.37
CA ILE B 129 13.97 -3.37 -3.78
C ILE B 129 15.05 -3.53 -4.85
N SER B 130 16.11 -2.73 -4.75
CA SER B 130 17.25 -2.82 -5.67
C SER B 130 17.97 -4.17 -5.56
N LYS B 131 18.37 -4.72 -6.71
CA LYS B 131 19.17 -5.94 -6.73
C LYS B 131 20.47 -5.73 -5.95
N ASN B 132 20.93 -4.49 -5.90
CA ASN B 132 22.17 -4.16 -5.20
C ASN B 132 21.92 -3.48 -3.84
N TYR B 133 20.91 -3.94 -3.12
CA TYR B 133 20.51 -3.33 -1.86
C TYR B 133 21.56 -3.56 -0.76
N SER B 134 21.64 -2.62 0.17
CA SER B 134 22.48 -2.77 1.37
C SER B 134 21.66 -3.39 2.49
N LEU B 135 22.25 -4.29 3.26
CA LEU B 135 21.55 -4.88 4.40
C LEU B 135 22.16 -4.39 5.70
N ILE B 136 21.41 -3.56 6.41
CA ILE B 136 21.87 -2.98 7.66
C ILE B 136 21.32 -3.80 8.80
N ASP B 137 22.24 -4.35 9.59
CA ASP B 137 21.88 -5.26 10.65
C ASP B 137 21.94 -4.55 12.00
N ASP B 138 20.77 -4.23 12.56
CA ASP B 138 20.73 -3.58 13.87
C ASP B 138 20.18 -4.51 14.94
N LEU B 139 20.28 -5.81 14.71
CA LEU B 139 19.65 -6.79 15.59
C LEU B 139 20.31 -6.82 16.97
N GLU B 140 21.58 -6.46 17.04
CA GLU B 140 22.29 -6.38 18.31
C GLU B 140 22.40 -4.93 18.79
#